data_7XRH
#
_entry.id   7XRH
#
_cell.length_a   49.188
_cell.length_b   74.590
_cell.length_c   123.367
_cell.angle_alpha   90.000
_cell.angle_beta   90.000
_cell.angle_gamma   90.000
#
_symmetry.space_group_name_H-M   'P 21 21 21'
#
loop_
_entity.id
_entity.type
_entity.pdbx_description
1 polymer 'Cinnamoyl esterase'
2 water water
#
_entity_poly.entity_id   1
_entity_poly.type   'polypeptide(L)'
_entity_poly.pdbx_seq_one_letter_code
;SMSRITIERDGLTLVGDREEPFGEIYDMAILMHGFTANRNTPLLRQIADNLRDENVASVRFDFNGHGESDGAFEDMTVCN
EIADAQKILEYVRTDPHVRNIFLVGHSQGGVVASMLAGLYPDIVKKVVLLAPAAQLKDDALNGDTQGATYNPEHIPAAIP
FHGKKLGGFYLRTAQVLPIYEIAKHYTNPVSIIVGSNDQVVAPKYSKKYDEVYENSELHMVPDADHSFTGQYKDSAVDLT
AEFLKPLF
;
_entity_poly.pdbx_strand_id   A,B
#
# COMPACT_ATOMS: atom_id res chain seq x y z
N SER A 3 18.00 20.30 -13.02
CA SER A 3 18.62 19.21 -13.78
C SER A 3 18.04 17.82 -13.42
N ARG A 4 18.62 16.75 -13.97
CA ARG A 4 17.98 15.45 -14.00
C ARG A 4 18.59 14.52 -12.95
N ILE A 5 17.70 13.90 -12.17
CA ILE A 5 18.07 13.00 -11.05
C ILE A 5 17.29 11.67 -11.14
N THR A 6 17.82 10.63 -10.52
CA THR A 6 17.16 9.30 -10.44
C THR A 6 17.35 8.74 -9.03
N ILE A 7 16.32 8.04 -8.53
CA ILE A 7 16.34 7.38 -7.21
C ILE A 7 15.68 6.01 -7.35
N GLU A 8 15.98 5.09 -6.45
CA GLU A 8 15.41 3.73 -6.60
C GLU A 8 14.40 3.49 -5.49
N ARG A 9 13.37 2.72 -5.78
CA ARG A 9 12.37 2.28 -4.80
C ARG A 9 12.04 0.84 -5.13
N ASP A 10 12.43 -0.07 -4.25
CA ASP A 10 12.16 -1.50 -4.38
C ASP A 10 12.68 -2.07 -5.69
N GLY A 11 13.86 -1.61 -6.12
CA GLY A 11 14.42 -2.09 -7.36
C GLY A 11 13.93 -1.40 -8.63
N LEU A 12 12.96 -0.49 -8.53
CA LEU A 12 12.59 0.29 -9.70
C LEU A 12 13.25 1.66 -9.62
N THR A 13 13.53 2.23 -10.78
CA THR A 13 14.14 3.55 -10.84
C THR A 13 13.07 4.60 -11.12
N LEU A 14 13.20 5.73 -10.46
CA LEU A 14 12.29 6.85 -10.67
C LEU A 14 13.09 7.98 -11.27
N VAL A 15 12.56 8.60 -12.32
CA VAL A 15 13.23 9.69 -13.00
C VAL A 15 12.54 10.99 -12.59
N GLY A 16 13.35 12.01 -12.31
CA GLY A 16 12.81 13.32 -12.01
C GLY A 16 13.71 14.43 -12.50
N ASP A 17 13.23 15.65 -12.27
CA ASP A 17 13.95 16.87 -12.61
C ASP A 17 14.07 17.69 -11.34
N ARG A 18 15.26 18.24 -11.10
CA ARG A 18 15.49 19.11 -9.95
C ARG A 18 15.77 20.51 -10.42
N GLU A 19 15.16 21.49 -9.77
CA GLU A 19 15.32 22.91 -10.13
C GLU A 19 15.72 23.70 -8.88
N GLU A 20 16.78 24.50 -8.99
CA GLU A 20 17.32 25.20 -7.81
C GLU A 20 17.39 26.72 -8.02
N PRO A 21 17.11 27.53 -6.99
CA PRO A 21 17.24 28.97 -7.07
C PRO A 21 18.69 29.37 -6.72
N PHE A 22 19.05 30.64 -6.92
CA PHE A 22 20.41 31.11 -6.59
C PHE A 22 20.64 30.89 -5.11
N GLY A 23 21.73 30.24 -4.71
CA GLY A 23 21.91 30.07 -3.26
C GLY A 23 22.31 28.67 -2.80
N GLU A 24 22.81 28.61 -1.58
CA GLU A 24 23.30 27.37 -0.94
C GLU A 24 22.18 26.69 -0.17
N ILE A 25 21.27 27.45 0.41
CA ILE A 25 20.18 26.89 1.19
C ILE A 25 18.87 27.43 0.64
N TYR A 26 17.84 26.60 0.63
CA TYR A 26 16.53 26.99 0.13
C TYR A 26 15.49 25.99 0.61
N ASP A 27 14.23 26.43 0.63
CA ASP A 27 13.13 25.49 0.79
C ASP A 27 13.02 24.61 -0.45
N MET A 28 12.24 23.54 -0.33
CA MET A 28 12.12 22.61 -1.44
C MET A 28 10.71 22.04 -1.47
N ALA A 29 10.10 22.10 -2.66
CA ALA A 29 8.80 21.49 -2.91
C ALA A 29 8.96 20.18 -3.70
N ILE A 30 8.18 19.17 -3.32
CA ILE A 30 8.10 17.93 -4.08
C ILE A 30 6.82 18.01 -4.90
N LEU A 31 6.93 17.90 -6.22
CA LEU A 31 5.78 18.13 -7.11
C LEU A 31 5.33 16.79 -7.67
N MET A 32 4.08 16.45 -7.43
CA MET A 32 3.51 15.15 -7.82
C MET A 32 2.43 15.32 -8.89
N HIS A 33 2.51 14.52 -9.96
CA HIS A 33 1.53 14.57 -11.07
C HIS A 33 0.30 13.70 -10.76
N GLY A 34 -0.58 13.55 -11.74
CA GLY A 34 -1.78 12.70 -11.65
C GLY A 34 -1.67 11.43 -12.50
N PHE A 35 -2.75 10.66 -12.55
CA PHE A 35 -2.90 9.37 -13.27
C PHE A 35 -2.65 9.53 -14.77
N THR A 36 -1.82 8.67 -15.34
CA THR A 36 -1.45 8.65 -16.78
C THR A 36 -0.74 9.94 -17.19
N ALA A 37 -0.37 10.77 -16.22
CA ALA A 37 0.36 12.02 -16.54
C ALA A 37 1.87 11.76 -16.39
N ASN A 38 2.64 12.84 -16.23
CA ASN A 38 4.09 12.72 -16.08
C ASN A 38 4.66 13.92 -15.33
N ARG A 39 5.97 13.97 -15.23
CA ARG A 39 6.60 14.99 -14.35
C ARG A 39 6.96 16.19 -15.22
N ASN A 40 6.41 16.25 -16.44
CA ASN A 40 6.65 17.35 -17.40
C ASN A 40 5.32 17.90 -17.95
N THR A 41 4.21 17.83 -17.20
CA THR A 41 3.03 18.52 -17.70
C THR A 41 3.25 20.03 -17.60
N PRO A 42 2.64 20.83 -18.48
CA PRO A 42 2.80 22.29 -18.38
C PRO A 42 2.56 22.82 -16.98
N LEU A 43 1.54 22.30 -16.32
CA LEU A 43 1.21 22.77 -14.98
C LEU A 43 2.39 22.62 -14.02
N LEU A 44 3.07 21.47 -14.04
CA LEU A 44 4.10 21.24 -13.04
C LEU A 44 5.39 21.98 -13.37
N ARG A 45 5.68 22.16 -14.65
CA ARG A 45 6.88 22.88 -15.02
C ARG A 45 6.75 24.36 -14.73
N GLN A 46 5.57 24.94 -14.97
CA GLN A 46 5.41 26.35 -14.64
C GLN A 46 5.49 26.56 -13.14
N ILE A 47 4.95 25.64 -12.35
CA ILE A 47 5.12 25.70 -10.90
C ILE A 47 6.60 25.66 -10.54
N ALA A 48 7.35 24.74 -11.20
CA ALA A 48 8.78 24.62 -10.90
C ALA A 48 9.53 25.88 -11.28
N ASP A 49 9.18 26.51 -12.39
CA ASP A 49 9.87 27.74 -12.78
C ASP A 49 9.48 28.90 -11.88
N ASN A 50 8.19 29.04 -11.56
CA ASN A 50 7.79 30.18 -10.74
C ASN A 50 8.28 30.03 -9.31
N LEU A 51 8.23 28.83 -8.75
CA LEU A 51 8.86 28.56 -7.45
C LEU A 51 10.33 28.99 -7.47
N ARG A 52 11.06 28.59 -8.51
CA ARG A 52 12.48 28.96 -8.59
C ARG A 52 12.70 30.45 -8.53
N ASP A 53 11.79 31.25 -9.10
CA ASP A 53 12.00 32.69 -9.15
C ASP A 53 11.77 33.35 -7.80
N GLU A 54 11.06 32.69 -6.88
CA GLU A 54 10.87 33.18 -5.53
C GLU A 54 11.66 32.36 -4.52
N ASN A 55 12.68 31.63 -4.99
CA ASN A 55 13.70 30.94 -4.21
C ASN A 55 13.22 29.65 -3.55
N VAL A 56 12.30 28.95 -4.20
CA VAL A 56 11.79 27.65 -3.77
C VAL A 56 12.33 26.61 -4.75
N ALA A 57 13.31 25.79 -4.36
CA ALA A 57 13.71 24.64 -5.15
C ALA A 57 12.54 23.68 -5.29
N SER A 58 12.68 22.74 -6.20
CA SER A 58 11.58 21.82 -6.47
C SER A 58 12.12 20.59 -7.18
N VAL A 59 11.47 19.47 -6.90
CA VAL A 59 11.67 18.12 -7.39
C VAL A 59 10.36 17.67 -8.00
N ARG A 60 10.37 17.02 -9.14
CA ARG A 60 9.17 16.42 -9.70
C ARG A 60 9.62 15.14 -10.38
N PHE A 61 9.00 14.03 -10.01
CA PHE A 61 9.41 12.70 -10.45
C PHE A 61 8.26 12.06 -11.22
N ASP A 62 8.61 11.21 -12.19
CA ASP A 62 7.62 10.31 -12.78
C ASP A 62 7.29 9.21 -11.77
N PHE A 63 6.01 9.01 -11.48
CA PHE A 63 5.67 7.89 -10.60
C PHE A 63 6.02 6.58 -11.27
N ASN A 64 6.11 5.52 -10.48
CA ASN A 64 6.30 4.19 -11.05
C ASN A 64 5.23 3.94 -12.11
N GLY A 65 5.66 3.39 -13.25
CA GLY A 65 4.74 3.05 -14.31
C GLY A 65 4.27 4.22 -15.15
N HIS A 66 4.95 5.36 -15.08
CA HIS A 66 4.60 6.57 -15.80
C HIS A 66 5.86 7.21 -16.35
N GLY A 67 5.71 7.97 -17.42
CA GLY A 67 6.81 8.77 -17.92
C GLY A 67 8.03 7.93 -18.20
N GLU A 68 9.16 8.36 -17.63
CA GLU A 68 10.45 7.71 -17.81
C GLU A 68 10.79 6.77 -16.65
N SER A 69 9.88 6.58 -15.72
CA SER A 69 10.27 5.69 -14.65
C SER A 69 9.95 4.24 -14.99
N ASP A 70 10.49 3.34 -14.17
CA ASP A 70 10.36 1.87 -14.40
C ASP A 70 9.05 1.37 -13.78
N GLY A 71 8.69 0.11 -14.05
CA GLY A 71 7.45 -0.49 -13.52
C GLY A 71 6.30 -0.39 -14.51
N ALA A 72 5.64 -1.52 -14.79
CA ALA A 72 4.51 -1.55 -15.74
C ALA A 72 3.34 -0.73 -15.17
N PHE A 73 2.58 -0.05 -16.03
CA PHE A 73 1.46 0.77 -15.60
C PHE A 73 0.50 -0.04 -14.74
N GLU A 74 0.23 -1.28 -15.13
CA GLU A 74 -0.75 -2.11 -14.44
C GLU A 74 -0.26 -2.63 -13.09
N ASP A 75 0.97 -2.34 -12.69
CA ASP A 75 1.46 -2.64 -11.35
C ASP A 75 1.45 -1.43 -10.43
N MET A 76 0.99 -0.28 -10.90
CA MET A 76 0.95 0.85 -9.99
C MET A 76 -0.32 0.78 -9.16
N THR A 77 -0.19 1.28 -7.94
CA THR A 77 -1.33 1.45 -7.06
C THR A 77 -1.16 2.80 -6.40
N VAL A 78 -2.18 3.24 -5.68
CA VAL A 78 -1.96 4.50 -4.98
C VAL A 78 -1.01 4.26 -3.82
N CYS A 79 -0.93 3.02 -3.33
CA CYS A 79 -0.04 2.72 -2.18
C CYS A 79 1.43 2.66 -2.59
N ASN A 80 1.82 2.00 -3.68
CA ASN A 80 3.23 2.06 -4.08
C ASN A 80 3.60 3.44 -4.61
N GLU A 81 2.64 4.20 -5.14
CA GLU A 81 2.89 5.61 -5.43
C GLU A 81 3.18 6.37 -4.14
N ILE A 82 2.44 6.07 -3.06
CA ILE A 82 2.81 6.66 -1.78
C ILE A 82 4.24 6.27 -1.41
N ALA A 83 4.61 5.01 -1.69
CA ALA A 83 5.99 4.56 -1.45
C ALA A 83 6.99 5.29 -2.34
N ASP A 84 6.64 5.50 -3.63
CA ASP A 84 7.47 6.36 -4.48
C ASP A 84 7.72 7.70 -3.79
N ALA A 85 6.66 8.29 -3.26
CA ALA A 85 6.79 9.63 -2.70
C ALA A 85 7.58 9.61 -1.39
N GLN A 86 7.43 8.54 -0.59
CA GLN A 86 8.27 8.38 0.61
C GLN A 86 9.74 8.37 0.26
N LYS A 87 10.10 7.78 -0.88
CA LYS A 87 11.51 7.73 -1.26
C LYS A 87 12.01 9.05 -1.82
N ILE A 88 11.14 9.84 -2.48
CA ILE A 88 11.52 11.20 -2.84
C ILE A 88 11.59 12.09 -1.61
N LEU A 89 10.64 11.93 -0.70
CA LEU A 89 10.70 12.66 0.56
C LEU A 89 12.01 12.41 1.29
N GLU A 90 12.46 11.15 1.32
CA GLU A 90 13.65 10.87 2.10
C GLU A 90 14.89 11.45 1.44
N TYR A 91 15.05 11.31 0.12
CA TYR A 91 16.18 11.92 -0.56
C TYR A 91 16.19 13.44 -0.39
N VAL A 92 15.01 14.05 -0.38
CA VAL A 92 14.97 15.49 -0.11
C VAL A 92 15.34 15.75 1.34
N ARG A 93 14.91 14.88 2.26
CA ARG A 93 15.15 15.12 3.68
C ARG A 93 16.64 15.02 4.04
N THR A 94 17.45 14.37 3.22
CA THR A 94 18.88 14.20 3.49
C THR A 94 19.72 15.16 2.65
N ASP A 95 19.07 16.07 1.94
CA ASP A 95 19.80 17.06 1.18
C ASP A 95 20.20 18.21 2.08
N PRO A 96 21.50 18.47 2.28
CA PRO A 96 21.89 19.51 3.24
C PRO A 96 21.45 20.91 2.85
N HIS A 97 21.05 21.10 1.59
CA HIS A 97 20.62 22.40 1.08
C HIS A 97 19.13 22.65 1.26
N VAL A 98 18.36 21.66 1.66
CA VAL A 98 16.93 21.83 1.89
C VAL A 98 16.69 22.35 3.30
N ARG A 99 15.74 23.28 3.41
CA ARG A 99 15.41 23.92 4.67
C ARG A 99 14.03 23.46 5.14
N ASN A 100 12.96 23.88 4.48
CA ASN A 100 11.63 23.36 4.74
C ASN A 100 11.18 22.56 3.52
N ILE A 101 10.27 21.63 3.74
CA ILE A 101 9.78 20.73 2.71
C ILE A 101 8.29 20.97 2.53
N PHE A 102 7.89 21.20 1.29
CA PHE A 102 6.51 21.37 0.87
C PHE A 102 6.12 20.23 -0.05
N LEU A 103 4.82 19.97 -0.11
CA LEU A 103 4.26 18.99 -1.04
C LEU A 103 3.27 19.68 -1.96
N VAL A 104 3.21 19.22 -3.22
CA VAL A 104 2.39 19.81 -4.28
C VAL A 104 1.91 18.70 -5.21
N GLY A 105 0.63 18.36 -5.14
CA GLY A 105 0.08 17.29 -5.96
C GLY A 105 -1.16 17.76 -6.70
N HIS A 106 -1.27 17.33 -7.96
CA HIS A 106 -2.46 17.60 -8.75
C HIS A 106 -3.19 16.29 -9.06
N SER A 107 -4.52 16.35 -9.00
CA SER A 107 -5.38 15.19 -9.22
C SER A 107 -5.00 14.04 -8.29
N GLN A 108 -4.68 12.87 -8.87
CA GLN A 108 -4.29 11.70 -8.07
C GLN A 108 -2.99 11.95 -7.30
N GLY A 109 -2.13 12.84 -7.79
CA GLY A 109 -0.95 13.22 -7.02
C GLY A 109 -1.31 14.03 -5.78
N GLY A 110 -2.42 14.76 -5.83
CA GLY A 110 -2.90 15.45 -4.64
C GLY A 110 -3.40 14.49 -3.58
N VAL A 111 -4.00 13.37 -4.01
CA VAL A 111 -4.32 12.32 -3.04
C VAL A 111 -3.04 11.79 -2.42
N VAL A 112 -2.04 11.52 -3.25
CA VAL A 112 -0.76 11.03 -2.74
C VAL A 112 -0.16 12.06 -1.78
N ALA A 113 -0.13 13.33 -2.20
CA ALA A 113 0.46 14.35 -1.35
C ALA A 113 -0.27 14.43 -0.02
N SER A 114 -1.60 14.45 -0.04
CA SER A 114 -2.33 14.55 1.22
C SER A 114 -2.10 13.32 2.10
N MET A 115 -1.93 12.15 1.50
CA MET A 115 -1.72 10.97 2.33
C MET A 115 -0.30 10.89 2.87
N LEU A 116 0.71 11.24 2.06
CA LEU A 116 2.05 11.33 2.64
C LEU A 116 2.11 12.41 3.70
N ALA A 117 1.31 13.47 3.56
CA ALA A 117 1.34 14.55 4.55
C ALA A 117 0.80 14.08 5.89
N GLY A 118 -0.32 13.35 5.88
CA GLY A 118 -0.82 12.78 7.12
C GLY A 118 0.10 11.75 7.76
N LEU A 119 0.97 11.13 6.96
CA LEU A 119 1.97 10.21 7.49
C LEU A 119 3.19 10.93 8.03
N TYR A 120 3.52 12.10 7.45
CA TYR A 120 4.68 12.89 7.83
C TYR A 120 4.24 14.31 8.22
N PRO A 121 3.40 14.44 9.24
CA PRO A 121 2.90 15.78 9.59
C PRO A 121 3.93 16.64 10.27
N ASP A 122 4.97 16.03 10.85
CA ASP A 122 6.03 16.76 11.52
C ASP A 122 7.14 17.22 10.57
N ILE A 123 7.24 16.62 9.39
CA ILE A 123 8.30 16.95 8.43
C ILE A 123 7.82 17.93 7.36
N VAL A 124 6.58 17.80 6.92
CA VAL A 124 6.07 18.63 5.82
C VAL A 124 5.44 19.89 6.40
N LYS A 125 5.94 21.03 5.94
CA LYS A 125 5.55 22.29 6.55
C LYS A 125 4.43 23.03 5.80
N LYS A 126 4.22 22.81 4.51
CA LYS A 126 3.06 23.33 3.79
C LYS A 126 2.70 22.35 2.68
N VAL A 127 1.40 22.31 2.32
CA VAL A 127 0.87 21.42 1.31
C VAL A 127 -0.03 22.23 0.38
N VAL A 128 0.06 21.95 -0.93
CA VAL A 128 -0.84 22.50 -1.94
C VAL A 128 -1.48 21.34 -2.68
N LEU A 129 -2.79 21.19 -2.53
CA LEU A 129 -3.56 20.19 -3.27
C LEU A 129 -4.21 20.87 -4.48
N LEU A 130 -3.95 20.35 -5.68
CA LEU A 130 -4.48 20.93 -6.90
C LEU A 130 -5.50 19.96 -7.49
N ALA A 131 -6.78 20.30 -7.38
CA ALA A 131 -7.91 19.45 -7.76
C ALA A 131 -7.71 18.00 -7.32
N PRO A 132 -7.38 17.74 -6.04
CA PRO A 132 -7.08 16.38 -5.59
C PRO A 132 -8.20 15.39 -5.88
N ALA A 133 -7.82 14.23 -6.39
CA ALA A 133 -8.79 13.28 -6.98
C ALA A 133 -9.26 12.24 -5.97
N ALA A 134 -9.92 12.65 -4.90
CA ALA A 134 -10.37 11.64 -3.94
C ALA A 134 -11.52 10.80 -4.49
N GLN A 135 -12.19 11.26 -5.55
CA GLN A 135 -13.27 10.49 -6.18
C GLN A 135 -12.85 9.06 -6.54
N LEU A 136 -11.56 8.82 -6.79
CA LEU A 136 -11.11 7.50 -7.26
C LEU A 136 -11.55 6.37 -6.34
N LYS A 137 -11.64 6.61 -5.01
CA LYS A 137 -12.16 5.58 -4.10
C LYS A 137 -13.62 5.27 -4.40
N ASP A 138 -14.42 6.30 -4.64
CA ASP A 138 -15.88 6.15 -4.93
C ASP A 138 -16.03 5.59 -6.35
N ASP A 139 -15.11 5.92 -7.23
CA ASP A 139 -15.13 5.37 -8.62
C ASP A 139 -14.80 3.88 -8.56
N ALA A 140 -13.91 3.49 -7.69
CA ALA A 140 -13.53 2.07 -7.57
C ALA A 140 -14.69 1.29 -6.95
N LEU A 141 -15.37 1.88 -5.98
CA LEU A 141 -16.47 1.20 -5.32
C LEU A 141 -17.69 1.01 -6.22
N ASN A 142 -17.78 1.81 -7.27
CA ASN A 142 -19.00 1.82 -8.10
C ASN A 142 -18.83 1.02 -9.38
N GLY A 143 -17.65 1.01 -9.94
CA GLY A 143 -17.51 0.26 -11.19
C GLY A 143 -17.01 1.11 -12.35
N ASP A 144 -17.22 2.42 -12.29
CA ASP A 144 -16.77 3.33 -13.37
C ASP A 144 -15.67 4.26 -12.84
N THR A 145 -14.56 4.37 -13.56
CA THR A 145 -13.42 5.22 -13.14
C THR A 145 -13.05 6.17 -14.29
N ALA A 148 -14.50 2.83 -18.77
CA ALA A 148 -15.92 2.53 -18.50
C ALA A 148 -16.00 1.77 -17.18
N THR A 149 -17.10 1.01 -17.03
CA THR A 149 -17.42 0.25 -15.81
C THR A 149 -16.72 -1.11 -15.78
N TYR A 150 -17.10 -1.89 -14.75
CA TYR A 150 -16.73 -3.28 -14.42
C TYR A 150 -17.63 -3.73 -13.26
N ASN A 151 -17.28 -4.83 -12.60
CA ASN A 151 -18.05 -5.33 -11.43
C ASN A 151 -17.20 -5.15 -10.17
N PRO A 152 -17.56 -4.28 -9.22
CA PRO A 152 -16.72 -3.99 -8.07
C PRO A 152 -16.60 -5.10 -7.01
N GLU A 153 -17.34 -6.18 -7.23
CA GLU A 153 -17.38 -7.37 -6.34
C GLU A 153 -16.55 -8.54 -6.92
N HIS A 154 -16.22 -8.48 -8.20
CA HIS A 154 -15.36 -9.48 -8.88
C HIS A 154 -14.52 -8.67 -9.87
N ILE A 155 -13.39 -8.15 -9.43
CA ILE A 155 -12.65 -7.24 -10.30
C ILE A 155 -11.54 -8.02 -10.98
N PRO A 156 -11.43 -7.91 -12.32
CA PRO A 156 -10.47 -8.73 -13.05
C PRO A 156 -9.02 -8.34 -12.75
N ALA A 157 -8.09 -9.07 -13.39
CA ALA A 157 -6.69 -8.81 -13.20
C ALA A 157 -6.22 -7.55 -13.91
N ALA A 158 -7.01 -7.01 -14.82
CA ALA A 158 -6.76 -5.71 -15.43
C ALA A 158 -7.96 -5.32 -16.29
N ILE A 159 -8.21 -4.03 -16.36
CA ILE A 159 -9.32 -3.53 -17.20
C ILE A 159 -8.68 -2.69 -18.31
N PRO A 160 -8.97 -2.96 -19.60
CA PRO A 160 -8.42 -2.19 -20.71
C PRO A 160 -8.81 -0.72 -20.65
N PHE A 161 -7.89 0.15 -21.10
CA PHE A 161 -8.11 1.62 -21.15
C PHE A 161 -7.76 2.18 -22.54
N HIS A 162 -6.49 2.57 -22.71
CA HIS A 162 -5.99 3.15 -23.98
C HIS A 162 -4.72 2.42 -24.37
N GLY A 163 -4.57 1.18 -23.93
CA GLY A 163 -3.34 0.40 -24.15
C GLY A 163 -2.64 0.20 -22.84
N LYS A 164 -2.80 1.19 -21.97
CA LYS A 164 -2.21 1.13 -20.61
C LYS A 164 -3.25 0.41 -19.75
N LYS A 165 -3.00 -0.88 -19.49
CA LYS A 165 -3.87 -1.76 -18.66
C LYS A 165 -3.82 -1.28 -17.22
N LEU A 166 -4.98 -1.10 -16.62
CA LEU A 166 -5.12 -0.66 -15.21
C LEU A 166 -5.22 -1.91 -14.36
N GLY A 167 -4.28 -2.08 -13.44
CA GLY A 167 -4.24 -3.27 -12.59
C GLY A 167 -5.42 -3.40 -11.66
N GLY A 168 -5.93 -4.60 -11.54
CA GLY A 168 -7.00 -4.86 -10.59
C GLY A 168 -6.62 -4.62 -9.14
N PHE A 169 -5.32 -4.66 -8.82
CA PHE A 169 -4.91 -4.37 -7.46
C PHE A 169 -5.09 -2.89 -7.13
N TYR A 170 -4.92 -2.00 -8.11
CA TYR A 170 -5.24 -0.59 -7.89
C TYR A 170 -6.70 -0.41 -7.46
N LEU A 171 -7.62 -1.04 -8.17
CA LEU A 171 -9.04 -0.89 -7.87
C LEU A 171 -9.37 -1.38 -6.46
N ARG A 172 -8.94 -2.59 -6.11
CA ARG A 172 -9.30 -3.19 -4.83
C ARG A 172 -8.70 -2.40 -3.67
N THR A 173 -7.47 -1.90 -3.83
CA THR A 173 -6.93 -1.01 -2.80
C THR A 173 -7.57 0.37 -2.87
N ALA A 174 -7.95 0.84 -4.07
CA ALA A 174 -8.63 2.13 -4.16
C ALA A 174 -9.91 2.15 -3.34
N GLN A 175 -10.63 1.02 -3.31
CA GLN A 175 -11.93 0.97 -2.66
C GLN A 175 -11.83 1.19 -1.15
N VAL A 176 -10.71 0.80 -0.53
CA VAL A 176 -10.57 0.77 0.91
C VAL A 176 -9.53 1.77 1.39
N LEU A 177 -9.18 2.71 0.52
CA LEU A 177 -8.17 3.70 0.84
C LEU A 177 -8.67 4.64 1.94
N PRO A 178 -7.94 4.79 3.06
CA PRO A 178 -8.41 5.73 4.11
C PRO A 178 -7.90 7.14 3.84
N ILE A 179 -8.46 7.74 2.79
CA ILE A 179 -7.88 8.96 2.22
C ILE A 179 -8.01 10.12 3.19
N TYR A 180 -9.23 10.41 3.62
CA TYR A 180 -9.41 11.51 4.57
C TYR A 180 -8.91 11.15 5.96
N GLU A 181 -9.07 9.89 6.37
CA GLU A 181 -8.61 9.46 7.68
C GLU A 181 -7.14 9.81 7.88
N ILE A 182 -6.28 9.37 6.96
CA ILE A 182 -4.85 9.64 7.11
C ILE A 182 -4.55 11.14 6.96
N ALA A 183 -5.28 11.86 6.11
CA ALA A 183 -4.90 13.25 5.80
C ALA A 183 -5.23 14.22 6.92
N LYS A 184 -6.33 13.98 7.66
CA LYS A 184 -6.67 14.82 8.82
C LYS A 184 -5.54 14.91 9.84
N HIS A 185 -4.63 13.93 9.87
CA HIS A 185 -3.54 14.01 10.84
C HIS A 185 -2.58 15.17 10.56
N TYR A 186 -2.74 15.89 9.46
CA TYR A 186 -1.81 16.95 9.10
C TYR A 186 -2.47 18.28 9.44
N THR A 187 -1.90 18.99 10.40
CA THR A 187 -2.46 20.23 10.94
C THR A 187 -1.70 21.47 10.48
N ASN A 188 -0.62 21.31 9.75
CA ASN A 188 0.08 22.46 9.20
C ASN A 188 -0.76 23.01 8.03
N PRO A 189 -0.38 24.14 7.46
CA PRO A 189 -1.28 24.80 6.49
C PRO A 189 -1.44 24.01 5.19
N VAL A 190 -2.67 24.01 4.67
CA VAL A 190 -2.99 23.40 3.39
C VAL A 190 -3.74 24.42 2.55
N SER A 191 -3.29 24.62 1.31
CA SER A 191 -4.05 25.33 0.28
C SER A 191 -4.61 24.35 -0.74
N ILE A 192 -5.92 24.39 -0.97
CA ILE A 192 -6.58 23.52 -1.95
C ILE A 192 -7.10 24.37 -3.08
N ILE A 193 -6.67 24.06 -4.31
CA ILE A 193 -7.05 24.81 -5.49
C ILE A 193 -7.87 23.90 -6.39
N VAL A 194 -9.05 24.39 -6.81
CA VAL A 194 -9.92 23.61 -7.68
C VAL A 194 -10.55 24.53 -8.72
N GLY A 195 -10.86 23.95 -9.87
CA GLY A 195 -11.45 24.70 -10.95
C GLY A 195 -12.96 24.67 -10.84
N SER A 196 -13.59 25.77 -11.23
CA SER A 196 -15.03 25.87 -11.07
C SER A 196 -15.78 25.04 -12.10
N ASN A 197 -15.08 24.57 -13.12
CA ASN A 197 -15.71 23.72 -14.16
C ASN A 197 -14.95 22.40 -14.29
N ASP A 198 -14.54 21.82 -13.17
CA ASP A 198 -13.89 20.52 -13.14
C ASP A 198 -14.95 19.43 -13.31
N GLN A 199 -14.92 18.73 -14.44
CA GLN A 199 -15.84 17.64 -14.71
C GLN A 199 -15.29 16.27 -14.30
N VAL A 200 -14.08 16.24 -13.76
CA VAL A 200 -13.43 14.99 -13.38
C VAL A 200 -13.63 14.68 -11.90
N VAL A 201 -13.46 15.68 -11.03
CA VAL A 201 -13.57 15.49 -9.58
C VAL A 201 -14.61 16.48 -9.08
N ALA A 202 -15.75 15.98 -8.63
CA ALA A 202 -16.79 16.89 -8.12
C ALA A 202 -16.35 17.83 -6.98
N PRO A 203 -17.06 18.97 -6.78
CA PRO A 203 -16.74 19.94 -5.75
C PRO A 203 -16.59 19.34 -4.36
N LYS A 204 -17.51 18.43 -4.00
CA LYS A 204 -17.55 17.76 -2.65
C LYS A 204 -16.18 17.29 -2.16
N TYR A 205 -15.38 16.66 -3.02
CA TYR A 205 -14.06 16.11 -2.63
C TYR A 205 -13.13 17.19 -2.07
N SER A 206 -12.98 18.32 -2.74
CA SER A 206 -12.17 19.41 -2.20
C SER A 206 -12.82 20.03 -0.97
N LYS A 207 -14.10 20.41 -1.08
CA LYS A 207 -14.84 20.89 0.07
C LYS A 207 -14.70 19.94 1.25
N LYS A 208 -14.55 18.64 0.99
CA LYS A 208 -14.40 17.70 2.11
C LYS A 208 -13.00 17.75 2.72
N TYR A 209 -11.96 17.97 1.91
CA TYR A 209 -10.64 18.17 2.48
C TYR A 209 -10.62 19.42 3.37
N ASP A 210 -11.23 20.52 2.88
CA ASP A 210 -11.23 21.77 3.63
C ASP A 210 -11.90 21.60 4.99
N GLU A 211 -13.00 20.85 5.02
CA GLU A 211 -13.67 20.71 6.30
C GLU A 211 -12.93 19.77 7.24
N VAL A 212 -12.17 18.80 6.73
CA VAL A 212 -11.45 17.86 7.59
C VAL A 212 -10.11 18.42 8.06
N TYR A 213 -9.39 19.14 7.21
CA TYR A 213 -8.15 19.78 7.65
C TYR A 213 -8.45 20.79 8.73
N GLU A 214 -7.49 20.98 9.61
CA GLU A 214 -7.66 21.97 10.66
C GLU A 214 -7.05 23.32 10.30
N ASN A 215 -6.17 23.35 9.30
CA ASN A 215 -5.45 24.56 8.90
C ASN A 215 -5.41 24.67 7.37
N SER A 216 -6.55 25.01 6.78
CA SER A 216 -6.69 24.94 5.33
C SER A 216 -7.54 26.07 4.79
N GLU A 217 -7.42 26.26 3.47
CA GLU A 217 -8.16 27.24 2.70
C GLU A 217 -8.45 26.64 1.32
N LEU A 218 -9.63 26.95 0.77
CA LEU A 218 -10.08 26.33 -0.47
C LEU A 218 -10.28 27.44 -1.52
N HIS A 219 -9.34 27.55 -2.45
CA HIS A 219 -9.44 28.49 -3.54
C HIS A 219 -10.17 27.88 -4.73
N MET A 220 -10.92 28.71 -5.44
CA MET A 220 -11.64 28.31 -6.64
C MET A 220 -11.22 29.20 -7.81
N VAL A 221 -10.84 28.57 -8.92
CA VAL A 221 -10.46 29.25 -10.15
C VAL A 221 -11.68 29.24 -11.08
N PRO A 222 -12.34 30.37 -11.32
CA PRO A 222 -13.55 30.33 -12.16
C PRO A 222 -13.22 29.76 -13.52
N ASP A 223 -14.11 28.86 -13.98
CA ASP A 223 -14.17 28.35 -15.34
C ASP A 223 -13.05 27.35 -15.63
N ALA A 224 -12.15 27.14 -14.67
CA ALA A 224 -11.01 26.20 -14.82
C ALA A 224 -11.53 24.76 -14.80
N ASP A 225 -10.88 23.96 -15.65
CA ASP A 225 -11.14 22.51 -15.86
C ASP A 225 -10.29 21.71 -14.88
N HIS A 226 -10.34 20.39 -15.00
CA HIS A 226 -9.58 19.51 -14.11
C HIS A 226 -8.08 19.74 -14.29
N SER A 227 -7.58 19.85 -15.51
CA SER A 227 -6.14 19.96 -15.84
C SER A 227 -5.53 21.33 -15.59
N PHE A 228 -6.36 22.36 -15.44
CA PHE A 228 -5.94 23.79 -15.36
C PHE A 228 -5.29 24.17 -16.71
N THR A 229 -6.01 23.89 -17.79
CA THR A 229 -5.57 24.10 -19.18
C THR A 229 -5.33 25.57 -19.53
N GLY A 230 -4.26 25.81 -20.28
CA GLY A 230 -3.90 27.13 -20.83
C GLY A 230 -3.88 28.27 -19.84
N GLN A 231 -4.72 29.26 -20.01
CA GLN A 231 -4.71 30.44 -19.12
C GLN A 231 -4.98 30.03 -17.67
N TYR A 232 -5.74 28.97 -17.45
CA TYR A 232 -6.10 28.57 -16.10
C TYR A 232 -4.89 28.15 -15.28
N LYS A 233 -3.85 27.66 -15.96
CA LYS A 233 -2.56 27.33 -15.37
C LYS A 233 -1.96 28.49 -14.57
N ASP A 234 -2.14 29.72 -15.05
CA ASP A 234 -1.54 30.87 -14.38
C ASP A 234 -2.18 31.11 -13.03
N SER A 235 -3.52 31.08 -12.98
CA SER A 235 -4.17 31.31 -11.70
C SER A 235 -3.81 30.22 -10.69
N ALA A 236 -3.56 29.00 -11.16
CA ALA A 236 -3.15 27.92 -10.26
C ALA A 236 -1.67 28.00 -9.91
N VAL A 237 -0.84 28.47 -10.82
CA VAL A 237 0.55 28.70 -10.46
C VAL A 237 0.65 29.87 -9.49
N ASP A 238 -0.10 30.95 -9.74
CA ASP A 238 -0.06 32.13 -8.87
C ASP A 238 -0.42 31.76 -7.44
N LEU A 239 -1.58 31.15 -7.24
CA LEU A 239 -2.00 30.70 -5.93
C LEU A 239 -0.95 29.82 -5.27
N THR A 240 -0.38 28.89 -6.05
CA THR A 240 0.55 27.96 -5.40
C THR A 240 1.83 28.67 -4.97
N ALA A 241 2.42 29.56 -5.78
CA ALA A 241 3.60 30.29 -5.33
C ALA A 241 3.27 31.35 -4.28
N GLU A 242 2.06 31.92 -4.33
CA GLU A 242 1.58 32.72 -3.20
C GLU A 242 1.77 31.96 -1.89
N PHE A 243 1.13 30.79 -1.79
CA PHE A 243 1.16 30.00 -0.56
C PHE A 243 2.58 29.68 -0.11
N LEU A 244 3.46 29.34 -1.05
CA LEU A 244 4.83 28.90 -0.76
C LEU A 244 5.86 30.04 -0.81
N LYS A 245 5.47 31.29 -0.69
CA LYS A 245 6.56 32.27 -0.78
C LYS A 245 7.23 32.40 0.59
N PRO A 246 8.54 32.23 0.61
CA PRO A 246 9.23 32.23 1.89
C PRO A 246 9.34 33.60 2.56
N SER B 1 6.11 -33.86 -4.18
CA SER B 1 7.25 -33.06 -4.70
C SER B 1 7.30 -31.66 -4.10
N MET B 2 8.49 -31.10 -4.18
CA MET B 2 8.87 -29.81 -3.58
C MET B 2 9.63 -29.06 -4.67
N SER B 3 9.49 -27.76 -4.73
CA SER B 3 10.09 -26.99 -5.84
C SER B 3 10.64 -25.67 -5.31
N ARG B 4 11.62 -25.10 -5.99
CA ARG B 4 12.03 -23.73 -5.62
C ARG B 4 11.50 -22.81 -6.72
N ILE B 5 10.73 -21.80 -6.34
CA ILE B 5 10.17 -20.88 -7.32
C ILE B 5 10.56 -19.44 -6.95
N THR B 6 10.74 -18.62 -7.97
CA THR B 6 10.98 -17.20 -7.76
C THR B 6 9.85 -16.39 -8.39
N ILE B 7 9.81 -15.10 -8.05
CA ILE B 7 8.67 -14.26 -8.35
C ILE B 7 9.14 -12.80 -8.28
N GLU B 8 8.59 -11.97 -9.16
CA GLU B 8 8.99 -10.56 -9.21
C GLU B 8 7.88 -9.66 -8.69
N ARG B 9 8.31 -8.59 -8.02
CA ARG B 9 7.41 -7.62 -7.42
C ARG B 9 8.15 -6.28 -7.45
N ASP B 10 7.76 -5.41 -8.38
CA ASP B 10 8.44 -4.13 -8.60
C ASP B 10 9.94 -4.34 -8.79
N GLY B 11 10.32 -5.36 -9.53
CA GLY B 11 11.75 -5.54 -9.73
C GLY B 11 12.49 -6.14 -8.56
N LEU B 12 11.79 -6.55 -7.50
CA LEU B 12 12.49 -7.32 -6.49
C LEU B 12 12.06 -8.77 -6.63
N THR B 13 13.06 -9.63 -6.48
CA THR B 13 12.87 -11.06 -6.64
C THR B 13 12.46 -11.62 -5.30
N LEU B 14 11.32 -12.30 -5.26
CA LEU B 14 10.97 -12.99 -4.02
C LEU B 14 11.17 -14.48 -4.21
N VAL B 15 11.56 -15.17 -3.13
CA VAL B 15 12.05 -16.55 -3.19
C VAL B 15 11.13 -17.46 -2.39
N GLY B 16 10.62 -18.52 -3.02
CA GLY B 16 9.62 -19.35 -2.41
C GLY B 16 9.93 -20.82 -2.53
N ASP B 17 9.22 -21.61 -1.72
CA ASP B 17 9.24 -23.06 -1.79
C ASP B 17 7.83 -23.52 -2.14
N ARG B 18 7.71 -24.28 -3.24
CA ARG B 18 6.44 -24.85 -3.64
C ARG B 18 6.43 -26.32 -3.29
N GLU B 19 5.39 -26.77 -2.57
CA GLU B 19 5.32 -28.20 -2.17
C GLU B 19 3.99 -28.76 -2.69
N GLU B 20 4.03 -29.84 -3.48
CA GLU B 20 2.73 -30.33 -3.98
C GLU B 20 2.46 -31.79 -3.69
N PRO B 21 1.19 -32.18 -3.63
CA PRO B 21 0.82 -33.58 -3.56
C PRO B 21 0.86 -34.09 -5.01
N PHE B 22 1.05 -35.38 -5.19
CA PHE B 22 1.08 -35.93 -6.57
C PHE B 22 -0.33 -35.90 -7.15
N GLY B 23 -0.44 -35.29 -8.34
CA GLY B 23 -1.71 -35.13 -9.06
C GLY B 23 -1.61 -33.99 -10.05
N GLU B 24 -2.71 -33.70 -10.73
CA GLU B 24 -2.88 -32.63 -11.75
C GLU B 24 -3.74 -31.52 -11.14
N ILE B 25 -4.47 -31.85 -10.08
CA ILE B 25 -5.45 -30.87 -9.52
C ILE B 25 -5.46 -30.99 -7.99
N TYR B 26 -5.40 -29.86 -7.29
CA TYR B 26 -5.41 -29.84 -5.81
C TYR B 26 -5.69 -28.43 -5.31
N ASP B 27 -6.06 -28.31 -4.03
CA ASP B 27 -6.12 -27.03 -3.35
C ASP B 27 -4.71 -26.54 -3.03
N MET B 28 -4.60 -25.26 -2.68
CA MET B 28 -3.29 -24.74 -2.31
C MET B 28 -3.42 -23.60 -1.29
N ALA B 29 -2.44 -23.57 -0.38
CA ALA B 29 -2.38 -22.59 0.69
C ALA B 29 -1.14 -21.73 0.52
N ILE B 30 -1.32 -20.42 0.65
CA ILE B 30 -0.19 -19.51 0.78
C ILE B 30 0.12 -19.32 2.27
N LEU B 31 1.38 -19.57 2.64
CA LEU B 31 1.79 -19.54 4.03
C LEU B 31 2.81 -18.42 4.23
N MET B 32 2.48 -17.50 5.14
CA MET B 32 3.24 -16.26 5.32
C MET B 32 3.82 -16.20 6.73
N HIS B 33 5.13 -15.94 6.82
CA HIS B 33 5.83 -15.84 8.13
C HIS B 33 5.57 -14.45 8.73
N GLY B 34 6.12 -14.27 9.93
CA GLY B 34 6.08 -13.05 10.75
C GLY B 34 7.36 -12.24 10.66
N PHE B 35 7.41 -11.10 11.36
CA PHE B 35 8.60 -10.23 11.29
C PHE B 35 9.80 -10.93 11.91
N THR B 36 10.94 -10.79 11.25
CA THR B 36 12.29 -11.36 11.57
C THR B 36 12.41 -12.83 11.13
N ALA B 37 11.33 -13.46 10.64
CA ALA B 37 11.39 -14.89 10.31
C ALA B 37 11.67 -15.08 8.82
N ASN B 38 11.39 -16.26 8.32
CA ASN B 38 11.57 -16.62 6.91
C ASN B 38 10.56 -17.70 6.55
N ARG B 39 10.58 -18.12 5.30
CA ARG B 39 9.60 -19.09 4.81
C ARG B 39 9.76 -20.47 5.44
N ASN B 40 10.94 -20.80 5.97
CA ASN B 40 11.30 -22.19 6.29
C ASN B 40 11.58 -22.38 7.78
N THR B 41 10.76 -21.76 8.63
CA THR B 41 10.81 -22.11 10.04
C THR B 41 10.20 -23.50 10.23
N PRO B 42 10.57 -24.20 11.33
CA PRO B 42 9.92 -25.49 11.62
C PRO B 42 8.40 -25.45 11.48
N LEU B 43 7.74 -24.42 12.01
CA LEU B 43 6.27 -24.37 12.04
C LEU B 43 5.69 -24.32 10.62
N LEU B 44 6.24 -23.46 9.77
CA LEU B 44 5.74 -23.38 8.39
C LEU B 44 6.17 -24.60 7.58
N ARG B 45 7.39 -25.09 7.80
CA ARG B 45 7.82 -26.31 7.14
C ARG B 45 6.94 -27.50 7.53
N GLN B 46 6.43 -27.51 8.75
CA GLN B 46 5.55 -28.60 9.19
C GLN B 46 4.16 -28.49 8.59
N ILE B 47 3.57 -27.29 8.63
CA ILE B 47 2.24 -27.12 8.05
C ILE B 47 2.26 -27.51 6.59
N ALA B 48 3.32 -27.17 5.87
CA ALA B 48 3.42 -27.55 4.46
C ALA B 48 3.31 -29.06 4.28
N ASP B 49 4.05 -29.84 5.09
CA ASP B 49 4.08 -31.30 4.92
C ASP B 49 2.73 -31.92 5.25
N ASN B 50 2.17 -31.58 6.42
CA ASN B 50 0.87 -32.13 6.79
C ASN B 50 -0.18 -31.82 5.73
N LEU B 51 -0.09 -30.64 5.11
CA LEU B 51 -1.01 -30.28 4.03
C LEU B 51 -0.73 -31.08 2.76
N ARG B 52 0.55 -31.24 2.40
CA ARG B 52 0.91 -32.04 1.23
C ARG B 52 0.25 -33.41 1.31
N ASP B 53 0.19 -33.93 2.52
CA ASP B 53 -0.37 -35.26 2.84
C ASP B 53 -1.87 -35.21 3.00
N GLU B 54 -2.49 -34.07 2.72
CA GLU B 54 -3.97 -34.03 2.75
C GLU B 54 -4.47 -33.57 1.38
N ASN B 55 -3.58 -33.60 0.39
CA ASN B 55 -3.82 -33.14 -1.01
C ASN B 55 -3.99 -31.62 -1.00
N VAL B 56 -3.33 -30.93 -0.08
CA VAL B 56 -3.34 -29.48 -0.02
C VAL B 56 -1.94 -29.00 -0.35
N ALA B 57 -1.75 -28.41 -1.52
CA ALA B 57 -0.45 -27.89 -1.90
C ALA B 57 -0.20 -26.57 -1.18
N SER B 58 1.01 -26.04 -1.34
CA SER B 58 1.42 -24.88 -0.57
C SER B 58 2.62 -24.24 -1.24
N VAL B 59 2.67 -22.93 -1.19
CA VAL B 59 3.88 -22.18 -1.47
C VAL B 59 4.17 -21.35 -0.23
N ARG B 60 5.43 -21.04 -0.02
CA ARG B 60 5.79 -20.15 1.05
C ARG B 60 6.99 -19.35 0.60
N PHE B 61 6.92 -18.04 0.76
CA PHE B 61 7.90 -17.12 0.22
C PHE B 61 8.52 -16.32 1.35
N ASP B 62 9.77 -15.90 1.16
CA ASP B 62 10.37 -14.93 2.05
C ASP B 62 9.84 -13.56 1.64
N PHE B 63 9.31 -12.80 2.60
CA PHE B 63 8.90 -11.45 2.29
C PHE B 63 10.12 -10.61 1.91
N ASN B 64 9.84 -9.51 1.21
CA ASN B 64 10.90 -8.56 0.86
C ASN B 64 11.67 -8.20 2.13
N GLY B 65 12.99 -8.17 2.01
CA GLY B 65 13.80 -7.89 3.17
C GLY B 65 13.91 -9.03 4.16
N HIS B 66 13.53 -10.24 3.77
CA HIS B 66 13.49 -11.39 4.66
C HIS B 66 14.13 -12.59 3.97
N GLY B 67 14.81 -13.41 4.77
CA GLY B 67 15.40 -14.65 4.28
C GLY B 67 16.22 -14.46 3.02
N GLU B 68 15.78 -15.11 1.93
CA GLU B 68 16.51 -15.02 0.67
C GLU B 68 16.00 -13.94 -0.27
N SER B 69 14.89 -13.27 0.06
CA SER B 69 14.22 -12.38 -0.88
C SER B 69 14.97 -11.06 -0.97
N ASP B 70 14.69 -10.31 -2.03
CA ASP B 70 15.38 -9.06 -2.27
C ASP B 70 14.90 -7.98 -1.32
N GLY B 71 15.70 -6.93 -1.18
CA GLY B 71 15.28 -5.73 -0.48
C GLY B 71 15.81 -5.65 0.94
N ALA B 72 15.88 -4.43 1.44
CA ALA B 72 16.39 -4.20 2.79
C ALA B 72 15.25 -4.27 3.81
N PHE B 73 15.58 -4.75 5.02
CA PHE B 73 14.58 -4.88 6.06
C PHE B 73 14.02 -3.52 6.47
N GLU B 74 14.82 -2.47 6.35
CA GLU B 74 14.34 -1.13 6.66
C GLU B 74 13.27 -0.65 5.67
N ASP B 75 13.32 -1.10 4.42
CA ASP B 75 12.31 -0.73 3.43
C ASP B 75 11.07 -1.58 3.50
N MET B 76 10.99 -2.48 4.46
CA MET B 76 9.81 -3.32 4.59
C MET B 76 8.70 -2.50 5.24
N THR B 77 7.49 -2.68 4.74
CA THR B 77 6.31 -2.17 5.40
C THR B 77 5.23 -3.24 5.32
N VAL B 78 4.20 -3.07 6.13
CA VAL B 78 3.05 -3.98 6.05
C VAL B 78 2.37 -3.81 4.69
N CYS B 79 2.41 -2.61 4.11
CA CYS B 79 1.75 -2.42 2.79
C CYS B 79 2.56 -3.13 1.68
N ASN B 80 3.86 -2.96 1.54
CA ASN B 80 4.64 -3.67 0.51
C ASN B 80 4.71 -5.19 0.77
N GLU B 81 4.43 -5.64 1.97
CA GLU B 81 4.32 -7.09 2.16
C GLU B 81 2.96 -7.61 1.69
N ILE B 82 1.92 -6.79 1.85
CA ILE B 82 0.66 -7.11 1.18
C ILE B 82 0.86 -7.23 -0.31
N ALA B 83 1.63 -6.30 -0.89
CA ALA B 83 1.88 -6.30 -2.33
C ALA B 83 2.74 -7.50 -2.75
N ASP B 84 3.65 -7.95 -1.89
CA ASP B 84 4.30 -9.25 -2.12
C ASP B 84 3.27 -10.37 -2.18
N ALA B 85 2.43 -10.46 -1.14
CA ALA B 85 1.49 -11.56 -1.05
C ALA B 85 0.50 -11.52 -2.20
N GLN B 86 0.21 -10.32 -2.70
CA GLN B 86 -0.69 -10.19 -3.84
C GLN B 86 -0.06 -10.78 -5.09
N LYS B 87 1.20 -10.46 -5.33
CA LYS B 87 1.92 -11.06 -6.45
C LYS B 87 1.94 -12.59 -6.36
N ILE B 88 2.17 -13.14 -5.16
CA ILE B 88 2.10 -14.59 -4.99
C ILE B 88 0.67 -15.08 -5.25
N LEU B 89 -0.33 -14.32 -4.78
CA LEU B 89 -1.72 -14.70 -5.05
C LEU B 89 -2.02 -14.75 -6.55
N GLU B 90 -1.55 -13.77 -7.32
CA GLU B 90 -1.67 -13.76 -8.77
C GLU B 90 -1.04 -15.01 -9.37
N TYR B 91 0.19 -15.27 -8.93
CA TYR B 91 0.88 -16.49 -9.30
C TYR B 91 0.00 -17.72 -9.08
N VAL B 92 -0.45 -17.92 -7.84
CA VAL B 92 -1.28 -19.07 -7.51
C VAL B 92 -2.56 -19.05 -8.34
N ARG B 93 -3.18 -17.86 -8.42
CA ARG B 93 -4.40 -17.67 -9.19
C ARG B 93 -4.27 -18.23 -10.59
N THR B 94 -3.07 -18.17 -11.17
CA THR B 94 -2.85 -18.48 -12.58
C THR B 94 -2.31 -19.88 -12.78
N ASP B 95 -2.51 -20.78 -11.83
CA ASP B 95 -2.15 -22.16 -12.06
C ASP B 95 -3.40 -22.96 -12.40
N PRO B 96 -3.44 -23.62 -13.57
CA PRO B 96 -4.58 -24.48 -13.88
C PRO B 96 -4.67 -25.70 -12.98
N HIS B 97 -3.65 -25.95 -12.17
CA HIS B 97 -3.62 -27.06 -11.21
C HIS B 97 -4.31 -26.74 -9.88
N VAL B 98 -4.62 -25.47 -9.63
CA VAL B 98 -5.17 -25.02 -8.32
C VAL B 98 -6.69 -24.99 -8.31
N ARG B 99 -7.27 -25.57 -7.28
CA ARG B 99 -8.73 -25.54 -7.15
C ARG B 99 -9.10 -24.38 -6.24
N ASN B 100 -8.95 -24.55 -4.94
CA ASN B 100 -9.32 -23.45 -4.03
C ASN B 100 -8.08 -22.86 -3.40
N ILE B 101 -8.08 -21.57 -3.10
CA ILE B 101 -6.89 -20.93 -2.50
C ILE B 101 -7.15 -20.60 -1.03
N PHE B 102 -6.31 -21.10 -0.16
CA PHE B 102 -6.40 -20.78 1.25
C PHE B 102 -5.22 -19.88 1.63
N LEU B 103 -5.41 -19.10 2.68
CA LEU B 103 -4.38 -18.25 3.24
C LEU B 103 -4.06 -18.73 4.64
N VAL B 104 -2.78 -18.66 5.00
CA VAL B 104 -2.32 -19.03 6.33
C VAL B 104 -1.23 -18.05 6.71
N GLY B 105 -1.37 -17.43 7.88
CA GLY B 105 -0.39 -16.44 8.25
C GLY B 105 -0.10 -16.44 9.73
N HIS B 106 1.17 -16.60 10.07
CA HIS B 106 1.59 -16.58 11.46
C HIS B 106 2.06 -15.19 11.84
N SER B 107 1.62 -14.74 13.02
CA SER B 107 2.09 -13.48 13.60
C SER B 107 1.83 -12.33 12.64
N GLN B 108 2.85 -11.60 12.20
CA GLN B 108 2.66 -10.47 11.29
C GLN B 108 2.10 -10.92 9.95
N GLY B 109 2.63 -12.02 9.38
CA GLY B 109 2.02 -12.60 8.20
C GLY B 109 0.55 -12.94 8.39
N GLY B 110 0.08 -13.04 9.64
CA GLY B 110 -1.34 -13.17 9.88
C GLY B 110 -2.11 -11.88 9.68
N VAL B 111 -1.52 -10.75 10.04
CA VAL B 111 -2.16 -9.47 9.69
C VAL B 111 -2.20 -9.32 8.18
N VAL B 112 -1.10 -9.66 7.54
CA VAL B 112 -1.00 -9.57 6.09
C VAL B 112 -2.03 -10.48 5.43
N ALA B 113 -2.15 -11.71 5.93
CA ALA B 113 -3.14 -12.62 5.36
C ALA B 113 -4.55 -12.11 5.59
N SER B 114 -4.85 -11.60 6.79
CA SER B 114 -6.20 -11.11 7.02
C SER B 114 -6.51 -9.96 6.08
N MET B 115 -5.53 -9.10 5.83
CA MET B 115 -5.72 -7.96 4.96
C MET B 115 -5.75 -8.34 3.48
N LEU B 116 -4.96 -9.34 3.06
CA LEU B 116 -5.07 -9.78 1.67
C LEU B 116 -6.41 -10.47 1.41
N ALA B 117 -6.92 -11.21 2.40
CA ALA B 117 -8.24 -11.82 2.22
C ALA B 117 -9.33 -10.75 2.19
N GLY B 118 -9.23 -9.74 3.05
CA GLY B 118 -10.21 -8.66 3.04
C GLY B 118 -10.29 -7.96 1.69
N LEU B 119 -9.16 -7.86 0.98
CA LEU B 119 -9.14 -7.37 -0.39
C LEU B 119 -9.56 -8.40 -1.43
N TYR B 120 -9.39 -9.71 -1.15
CA TYR B 120 -9.75 -10.70 -2.17
C TYR B 120 -10.78 -11.70 -1.68
N PRO B 121 -11.88 -11.26 -1.04
CA PRO B 121 -12.82 -12.21 -0.45
C PRO B 121 -13.59 -13.01 -1.47
N ASP B 122 -13.54 -12.62 -2.76
CA ASP B 122 -14.13 -13.42 -3.84
C ASP B 122 -13.22 -14.59 -4.23
N ILE B 123 -11.91 -14.47 -4.03
CA ILE B 123 -10.97 -15.48 -4.47
C ILE B 123 -10.50 -16.37 -3.34
N VAL B 124 -10.25 -15.79 -2.17
CA VAL B 124 -9.75 -16.58 -1.05
C VAL B 124 -10.92 -17.33 -0.42
N LYS B 125 -10.77 -18.64 -0.28
CA LYS B 125 -11.88 -19.46 0.19
C LYS B 125 -11.78 -19.83 1.66
N LYS B 126 -10.58 -19.82 2.24
CA LYS B 126 -10.39 -20.20 3.64
C LYS B 126 -9.13 -19.51 4.17
N VAL B 127 -9.18 -19.05 5.43
CA VAL B 127 -8.07 -18.36 6.07
C VAL B 127 -7.76 -18.95 7.45
N VAL B 128 -6.48 -19.14 7.75
CA VAL B 128 -6.07 -19.56 9.08
C VAL B 128 -4.98 -18.62 9.56
N LEU B 129 -5.30 -17.96 10.67
CA LEU B 129 -4.42 -16.99 11.29
C LEU B 129 -3.88 -17.55 12.60
N LEU B 130 -2.55 -17.65 12.70
CA LEU B 130 -1.88 -18.16 13.89
C LEU B 130 -1.23 -16.99 14.62
N ALA B 131 -1.78 -16.63 15.76
CA ALA B 131 -1.31 -15.52 16.63
C ALA B 131 -1.17 -14.22 15.84
N PRO B 132 -2.21 -13.74 15.17
CA PRO B 132 -2.11 -12.54 14.36
C PRO B 132 -1.64 -11.32 15.16
N ALA B 133 -0.58 -10.68 14.70
CA ALA B 133 0.04 -9.51 15.37
C ALA B 133 -0.66 -8.19 15.09
N ALA B 134 -1.98 -8.13 15.21
CA ALA B 134 -2.76 -6.90 15.01
C ALA B 134 -2.32 -5.90 16.08
N GLN B 135 -1.59 -6.37 17.08
CA GLN B 135 -1.08 -5.45 18.10
C GLN B 135 -0.01 -4.50 17.56
N LEU B 136 0.71 -4.87 16.49
CA LEU B 136 1.73 -3.97 15.93
C LEU B 136 1.21 -2.57 15.68
N LYS B 137 -0.08 -2.42 15.40
CA LYS B 137 -0.64 -1.09 15.19
C LYS B 137 -0.62 -0.30 16.49
N ASP B 138 -0.99 -0.94 17.60
CA ASP B 138 -1.02 -0.23 18.87
C ASP B 138 0.38 -0.07 19.46
N ASP B 139 1.29 -1.00 19.18
CA ASP B 139 2.68 -0.80 19.56
C ASP B 139 3.24 0.44 18.87
N ALA B 140 2.94 0.62 17.59
CA ALA B 140 3.48 1.75 16.87
C ALA B 140 2.86 3.06 17.38
N LEU B 141 1.64 2.99 17.84
CA LEU B 141 0.97 4.21 18.32
C LEU B 141 1.49 4.65 19.67
N ASN B 142 2.06 3.76 20.47
CA ASN B 142 2.54 4.19 21.82
C ASN B 142 4.03 4.50 21.81
N GLY B 143 4.85 3.65 21.22
CA GLY B 143 6.29 3.91 21.25
C GLY B 143 7.03 2.76 21.91
N LEU B 166 14.36 -1.73 11.65
CA LEU B 166 12.95 -1.44 11.30
C LEU B 166 12.86 0.01 10.84
N GLY B 167 12.30 0.24 9.67
CA GLY B 167 12.27 1.59 9.10
C GLY B 167 11.19 2.48 9.65
N GLY B 168 11.44 3.79 9.56
CA GLY B 168 10.49 4.83 9.99
C GLY B 168 9.19 4.75 9.22
N PHE B 169 9.29 4.44 7.95
CA PHE B 169 8.10 4.24 7.12
C PHE B 169 7.30 3.03 7.63
N TYR B 170 7.94 1.95 8.11
CA TYR B 170 7.15 0.84 8.66
C TYR B 170 6.25 1.34 9.79
N LEU B 171 6.79 2.21 10.65
CA LEU B 171 6.06 2.60 11.84
C LEU B 171 5.00 3.66 11.55
N ARG B 172 5.24 4.52 10.56
CA ARG B 172 4.26 5.57 10.27
C ARG B 172 3.03 4.98 9.62
N THR B 173 3.19 3.95 8.81
CA THR B 173 2.00 3.36 8.20
C THR B 173 1.30 2.41 9.13
N ALA B 174 2.06 1.76 10.03
CA ALA B 174 1.47 0.83 10.99
C ALA B 174 0.48 1.53 11.90
N GLN B 175 0.77 2.78 12.28
CA GLN B 175 -0.15 3.51 13.14
C GLN B 175 -1.52 3.76 12.51
N VAL B 176 -1.64 3.73 11.17
CA VAL B 176 -2.87 4.08 10.46
C VAL B 176 -3.41 2.92 9.63
N LEU B 177 -2.88 1.71 9.84
CA LEU B 177 -3.34 0.51 9.13
C LEU B 177 -4.76 0.15 9.53
N PRO B 178 -5.73 0.08 8.58
CA PRO B 178 -7.12 -0.28 8.92
C PRO B 178 -7.34 -1.79 8.96
N ILE B 179 -6.66 -2.45 9.90
CA ILE B 179 -6.54 -3.90 9.94
C ILE B 179 -7.90 -4.57 9.94
N TYR B 180 -8.69 -4.36 10.99
CA TYR B 180 -9.99 -5.01 11.11
C TYR B 180 -10.96 -4.53 10.05
N GLU B 181 -10.80 -3.31 9.54
CA GLU B 181 -11.85 -2.79 8.67
C GLU B 181 -11.74 -3.36 7.27
N ILE B 182 -10.51 -3.48 6.74
CA ILE B 182 -10.29 -4.29 5.54
C ILE B 182 -10.58 -5.76 5.83
N ALA B 183 -9.99 -6.29 6.92
CA ALA B 183 -10.10 -7.73 7.20
C ALA B 183 -11.56 -8.20 7.24
N LYS B 184 -12.47 -7.37 7.72
CA LYS B 184 -13.83 -7.84 7.97
C LYS B 184 -14.61 -8.08 6.67
N HIS B 185 -14.27 -7.39 5.58
CA HIS B 185 -14.89 -7.63 4.27
C HIS B 185 -14.76 -9.08 3.82
N TYR B 186 -13.89 -9.86 4.47
CA TYR B 186 -13.81 -11.29 4.21
C TYR B 186 -14.83 -12.02 5.07
N THR B 187 -15.76 -12.73 4.42
CA THR B 187 -16.86 -13.42 5.10
C THR B 187 -16.83 -14.93 4.89
N ASN B 188 -15.78 -15.47 4.27
CA ASN B 188 -15.65 -16.90 4.14
C ASN B 188 -15.04 -17.46 5.43
N PRO B 189 -14.94 -18.79 5.57
CA PRO B 189 -14.55 -19.36 6.89
C PRO B 189 -13.11 -19.03 7.23
N VAL B 190 -12.90 -18.52 8.44
CA VAL B 190 -11.57 -18.24 8.96
C VAL B 190 -11.42 -18.83 10.35
N SER B 191 -10.26 -19.43 10.61
CA SER B 191 -9.90 -20.02 11.89
C SER B 191 -8.74 -19.25 12.49
N ILE B 192 -8.84 -18.93 13.77
CA ILE B 192 -7.82 -18.15 14.46
C ILE B 192 -7.27 -19.01 15.60
N ILE B 193 -6.00 -19.39 15.51
CA ILE B 193 -5.37 -20.24 16.54
C ILE B 193 -4.31 -19.43 17.27
N VAL B 194 -4.54 -19.16 18.55
CA VAL B 194 -3.51 -18.57 19.39
C VAL B 194 -3.07 -19.52 20.48
N GLY B 195 -1.83 -19.35 20.91
CA GLY B 195 -1.37 -19.93 22.16
C GLY B 195 -1.81 -19.08 23.34
N SER B 196 -2.26 -19.77 24.40
CA SER B 196 -2.84 -19.09 25.55
C SER B 196 -1.81 -18.32 26.36
N ASN B 197 -0.54 -18.73 26.32
CA ASN B 197 0.51 -18.04 27.04
C ASN B 197 1.38 -17.17 26.13
N ASP B 198 0.76 -16.54 25.13
CA ASP B 198 1.47 -15.64 24.23
C ASP B 198 1.89 -14.39 24.99
N GLN B 199 3.19 -14.09 24.95
CA GLN B 199 3.74 -12.93 25.62
C GLN B 199 4.22 -11.89 24.63
N VAL B 200 3.80 -12.01 23.37
CA VAL B 200 4.17 -11.11 22.29
C VAL B 200 2.98 -10.28 21.82
N VAL B 201 1.87 -10.96 21.53
CA VAL B 201 0.61 -10.31 21.19
C VAL B 201 -0.42 -10.74 22.22
N ALA B 202 -1.07 -9.77 22.84
CA ALA B 202 -2.14 -10.07 23.77
C ALA B 202 -3.19 -10.95 23.08
N PRO B 203 -3.64 -12.04 23.73
CA PRO B 203 -4.78 -12.80 23.18
C PRO B 203 -5.98 -11.93 22.81
N LYS B 204 -6.10 -10.72 23.38
CA LYS B 204 -7.20 -9.82 23.06
C LYS B 204 -7.32 -9.52 21.55
N TYR B 205 -6.23 -9.66 20.78
CA TYR B 205 -6.30 -9.35 19.35
C TYR B 205 -6.84 -10.50 18.52
N SER B 206 -6.75 -11.75 19.00
CA SER B 206 -7.41 -12.86 18.35
C SER B 206 -8.91 -12.89 18.60
N LYS B 207 -9.38 -12.25 19.67
CA LYS B 207 -10.81 -12.23 19.96
C LYS B 207 -11.54 -11.16 19.17
N LYS B 208 -10.90 -10.01 18.95
CA LYS B 208 -11.53 -9.01 18.10
C LYS B 208 -11.68 -9.55 16.68
N TYR B 209 -10.70 -10.32 16.22
CA TYR B 209 -10.83 -10.98 14.93
C TYR B 209 -12.07 -11.87 14.89
N ASP B 210 -12.15 -12.84 15.78
CA ASP B 210 -13.28 -13.79 15.84
C ASP B 210 -14.62 -13.06 16.00
N GLU B 211 -14.62 -11.89 16.63
CA GLU B 211 -15.86 -11.15 16.79
C GLU B 211 -16.24 -10.38 15.52
N VAL B 212 -15.27 -9.73 14.87
CA VAL B 212 -15.64 -8.96 13.69
C VAL B 212 -15.87 -9.87 12.49
N TYR B 213 -15.25 -11.03 12.44
CA TYR B 213 -15.49 -11.92 11.32
C TYR B 213 -16.91 -12.45 11.38
N GLU B 214 -17.58 -12.43 10.22
CA GLU B 214 -18.96 -12.92 10.20
C GLU B 214 -19.02 -14.44 10.15
N ASN B 215 -17.88 -15.11 9.97
CA ASN B 215 -17.84 -16.56 9.88
C ASN B 215 -16.50 -17.11 10.36
N SER B 216 -16.27 -17.12 11.67
CA SER B 216 -14.94 -17.56 12.15
C SER B 216 -15.05 -18.47 13.38
N GLU B 217 -13.90 -18.97 13.82
CA GLU B 217 -13.77 -19.85 14.97
C GLU B 217 -12.44 -19.65 15.67
N LEU B 218 -12.49 -19.60 17.00
CA LEU B 218 -11.34 -19.34 17.85
C LEU B 218 -10.83 -20.65 18.47
N HIS B 219 -9.53 -20.90 18.36
CA HIS B 219 -8.90 -22.11 18.91
C HIS B 219 -7.71 -21.68 19.75
N MET B 220 -7.84 -21.79 21.06
CA MET B 220 -6.72 -21.43 21.92
C MET B 220 -5.99 -22.69 22.35
N VAL B 221 -4.68 -22.65 22.17
CA VAL B 221 -3.81 -23.79 22.56
C VAL B 221 -3.23 -23.46 23.93
N PRO B 222 -3.65 -24.18 24.97
CA PRO B 222 -3.21 -23.90 26.30
C PRO B 222 -1.72 -24.16 26.46
N ASP B 223 -1.05 -23.19 27.07
CA ASP B 223 0.39 -23.17 27.40
C ASP B 223 1.27 -22.85 26.18
N ALA B 224 0.72 -22.70 24.98
CA ALA B 224 1.57 -22.40 23.80
C ALA B 224 2.07 -20.95 23.81
N ASP B 225 3.25 -20.74 23.26
CA ASP B 225 3.85 -19.39 23.14
C ASP B 225 3.52 -18.79 21.78
N HIS B 226 4.05 -17.61 21.48
CA HIS B 226 3.72 -16.91 20.22
C HIS B 226 4.25 -17.66 19.00
N SER B 227 5.35 -18.39 19.13
CA SER B 227 5.94 -19.08 17.97
C SER B 227 5.43 -20.52 17.83
N PHE B 228 4.57 -20.97 18.74
CA PHE B 228 4.06 -22.35 18.76
C PHE B 228 5.24 -23.34 18.65
N THR B 229 6.10 -23.39 19.66
CA THR B 229 7.26 -24.29 19.56
C THR B 229 6.97 -25.65 20.16
N GLY B 230 7.89 -26.59 20.04
CA GLY B 230 7.78 -27.93 20.66
C GLY B 230 6.45 -28.59 20.44
N GLN B 231 5.91 -29.24 21.45
CA GLN B 231 4.62 -29.89 21.28
C GLN B 231 3.55 -28.94 20.75
N TYR B 232 3.71 -27.63 20.96
CA TYR B 232 2.66 -26.69 20.59
C TYR B 232 2.61 -26.44 19.10
N LYS B 233 3.77 -26.55 18.43
CA LYS B 233 3.81 -26.58 16.97
C LYS B 233 2.93 -27.70 16.42
N ASP B 234 3.08 -28.90 16.98
CA ASP B 234 2.27 -30.03 16.55
C ASP B 234 0.78 -29.77 16.75
N SER B 235 0.41 -29.16 17.86
CA SER B 235 -1.02 -28.87 18.06
C SER B 235 -1.49 -27.79 17.09
N ALA B 236 -0.64 -26.81 16.81
CA ALA B 236 -0.99 -25.73 15.89
C ALA B 236 -1.16 -26.26 14.48
N VAL B 237 -0.27 -27.17 14.05
CA VAL B 237 -0.42 -27.68 12.69
C VAL B 237 -1.56 -28.69 12.60
N ASP B 238 -1.96 -29.34 13.69
CA ASP B 238 -3.17 -30.17 13.66
C ASP B 238 -4.41 -29.29 13.38
N LEU B 239 -4.64 -28.32 14.25
CA LEU B 239 -5.79 -27.42 14.11
C LEU B 239 -5.78 -26.74 12.75
N THR B 240 -4.60 -26.31 12.28
CA THR B 240 -4.48 -25.70 10.96
C THR B 240 -4.88 -26.67 9.86
N ALA B 241 -4.29 -27.87 9.87
CA ALA B 241 -4.51 -28.81 8.77
C ALA B 241 -5.93 -29.35 8.76
N GLU B 242 -6.52 -29.56 9.94
CA GLU B 242 -7.89 -30.09 9.96
C GLU B 242 -8.94 -29.06 9.54
N PHE B 243 -8.61 -27.76 9.51
CA PHE B 243 -9.52 -26.76 8.97
C PHE B 243 -9.41 -26.65 7.46
N LEU B 244 -8.21 -26.86 6.97
CA LEU B 244 -8.00 -26.75 5.51
C LEU B 244 -8.21 -28.10 4.86
N LYS B 245 -8.45 -29.12 5.65
CA LYS B 245 -8.63 -30.49 5.12
C LYS B 245 -9.89 -30.56 4.28
N PRO B 246 -9.82 -31.24 3.13
CA PRO B 246 -10.96 -31.52 2.31
C PRO B 246 -11.36 -32.97 2.60
#